data_6ASK
#
_entry.id   6ASK
#
_cell.length_a   86.751
_cell.length_b   86.751
_cell.length_c   195.420
_cell.angle_alpha   90.00
_cell.angle_beta   90.00
_cell.angle_gamma   90.00
#
_symmetry.space_group_name_H-M   'P 43 21 2'
#
loop_
_entity.id
_entity.type
_entity.pdbx_description
1 polymer 'Putative monooxygenase MoxC'
2 water water
#
_entity_poly.entity_id   1
_entity_poly.type   'polypeptide(L)'
_entity_poly.pdbx_seq_one_letter_code
;GHMTRADFIQFGAMIHGVGGTTDGWRHPDVDPSASTNIEFYMKKAQTAEKGLFSFIFIADGLFISEKSIPHFLNRFEPIT
ILSALASVTKNIGLVGTFSTSFTEPFTISRQLMSLDHISGGRAGWNLVTSPQEGAARNHSKSNLPEHTERYEIAQEHLDV
VRGLWNSWEHDAFIHNKKTGQFFDQAKLHRLNHKGKYFQVEGPLNIGRSKQGEPVVFQAGSSETGRQFAAKNADAIFTHS
NSLEETKAFYADVKSRAADEGRDPSSVRIFPGISPIVADTEEEAEKKYREFAELIPIENAVTYLARFFDDYDLSVYPLDE
PFPDIGDVGKNAFQSTTDRIKREAKARNLTLREVAQEMAFPRTLFIGTPERVASLIETWFNAEAADGFIVGSDIPGTLDA
FVEKVIPILQERGLYRQDYRGGTLRENLGLGIPQHQSVLHSSHH
;
_entity_poly.pdbx_strand_id   A
#
# COMPACT_ATOMS: atom_id res chain seq x y z
N ARG A 5 14.76 14.18 13.44
CA ARG A 5 15.48 13.45 12.40
C ARG A 5 15.91 14.36 11.25
N ALA A 6 16.98 13.96 10.56
CA ALA A 6 17.54 14.80 9.51
C ALA A 6 16.71 14.76 8.22
N ASP A 7 16.10 13.62 7.90
CA ASP A 7 15.25 13.58 6.73
C ASP A 7 13.84 14.03 7.08
N PHE A 8 13.04 14.23 6.05
CA PHE A 8 11.63 14.59 6.20
C PHE A 8 10.79 13.32 6.08
N ILE A 9 9.67 13.29 6.82
CA ILE A 9 8.74 12.19 6.63
C ILE A 9 7.99 12.36 5.32
N GLN A 10 7.61 11.24 4.72
CA GLN A 10 6.85 11.24 3.48
C GLN A 10 5.54 10.47 3.67
N PHE A 11 4.57 10.78 2.82
CA PHE A 11 3.30 10.07 2.82
C PHE A 11 2.93 9.60 1.42
N GLY A 12 2.25 8.45 1.39
CA GLY A 12 1.53 8.01 0.21
C GLY A 12 0.06 7.93 0.54
N ALA A 13 -0.81 8.01 -0.47
CA ALA A 13 -2.25 7.90 -0.29
C ALA A 13 -2.75 6.69 -1.05
N MET A 14 -3.35 5.74 -0.34
CA MET A 14 -3.97 4.62 -1.00
C MET A 14 -5.38 5.03 -1.42
N ILE A 15 -5.68 4.98 -2.71
CA ILE A 15 -7.02 5.28 -3.21
C ILE A 15 -7.71 3.95 -3.49
N HIS A 16 -8.83 3.74 -2.80
CA HIS A 16 -9.35 2.38 -2.67
C HIS A 16 -10.87 2.34 -2.81
N GLY A 17 -11.44 3.20 -3.67
CA GLY A 17 -12.86 3.09 -4.01
C GLY A 17 -13.76 3.16 -2.78
N VAL A 18 -14.70 2.23 -2.68
CA VAL A 18 -15.60 2.21 -1.52
C VAL A 18 -14.96 1.59 -0.30
N GLY A 19 -13.67 1.24 -0.35
CA GLY A 19 -12.93 0.92 0.84
C GLY A 19 -12.71 -0.57 1.05
N GLY A 20 -12.06 -0.88 2.17
CA GLY A 20 -11.64 -2.23 2.45
C GLY A 20 -12.54 -3.07 3.32
N THR A 21 -13.76 -2.62 3.62
CA THR A 21 -14.66 -3.35 4.51
C THR A 21 -15.89 -3.87 3.76
N THR A 22 -16.63 -4.76 4.44
CA THR A 22 -17.82 -5.34 3.83
C THR A 22 -18.99 -4.35 3.79
N ASP A 23 -19.09 -3.45 4.76
CA ASP A 23 -20.29 -2.65 4.93
C ASP A 23 -20.05 -1.15 5.04
N GLY A 24 -18.79 -0.70 4.96
CA GLY A 24 -18.53 0.74 5.02
C GLY A 24 -19.26 1.54 3.95
N TRP A 25 -19.48 0.95 2.77
CA TRP A 25 -20.18 1.63 1.69
C TRP A 25 -21.61 2.04 2.04
N ARG A 26 -22.18 1.49 3.12
CA ARG A 26 -23.54 1.82 3.51
C ARG A 26 -23.63 3.10 4.31
N HIS A 27 -22.50 3.72 4.65
CA HIS A 27 -22.54 5.01 5.34
C HIS A 27 -23.18 6.05 4.43
N PRO A 28 -23.96 6.98 4.97
CA PRO A 28 -24.61 7.98 4.11
C PRO A 28 -23.65 8.82 3.29
N ASP A 29 -22.41 9.01 3.75
CA ASP A 29 -21.45 9.85 3.03
C ASP A 29 -20.73 9.14 1.90
N VAL A 30 -20.84 7.81 1.78
CA VAL A 30 -20.04 7.07 0.81
C VAL A 30 -20.80 6.97 -0.50
N ASP A 31 -20.12 7.27 -1.61
CA ASP A 31 -20.64 7.04 -2.95
C ASP A 31 -20.43 5.56 -3.27
N PRO A 32 -21.48 4.74 -3.36
CA PRO A 32 -21.28 3.30 -3.58
C PRO A 32 -20.71 2.96 -4.95
N SER A 33 -20.64 3.92 -5.88
CA SER A 33 -20.01 3.69 -7.17
C SER A 33 -18.55 4.12 -7.20
N ALA A 34 -17.98 4.46 -6.04
CA ALA A 34 -16.67 5.12 -6.01
C ALA A 34 -15.58 4.30 -6.70
N SER A 35 -15.67 2.98 -6.64
CA SER A 35 -14.58 2.14 -7.12
C SER A 35 -14.41 2.20 -8.63
N THR A 36 -15.43 2.60 -9.39
CA THR A 36 -15.28 2.81 -10.83
C THR A 36 -15.65 4.23 -11.23
N ASN A 37 -15.45 5.20 -10.32
CA ASN A 37 -15.84 6.59 -10.49
C ASN A 37 -14.57 7.41 -10.71
N ILE A 38 -14.32 7.82 -11.96
CA ILE A 38 -13.09 8.55 -12.27
C ILE A 38 -13.02 9.86 -11.48
N GLU A 39 -14.16 10.51 -11.24
CA GLU A 39 -14.16 11.75 -10.47
C GLU A 39 -13.66 11.52 -9.05
N PHE A 40 -14.09 10.42 -8.43
CA PHE A 40 -13.65 10.10 -7.07
C PHE A 40 -12.14 9.95 -7.01
N TYR A 41 -11.56 9.19 -7.96
CA TYR A 41 -10.13 8.96 -7.97
C TYR A 41 -9.36 10.26 -8.24
N MET A 42 -9.86 11.07 -9.18
CA MET A 42 -9.17 12.33 -9.48
C MET A 42 -9.20 13.27 -8.28
N LYS A 43 -10.35 13.38 -7.62
CA LYS A 43 -10.44 14.26 -6.46
C LYS A 43 -9.50 13.82 -5.34
N LYS A 44 -9.46 12.51 -5.04
CA LYS A 44 -8.55 12.03 -4.02
C LYS A 44 -7.09 12.26 -4.41
N ALA A 45 -6.74 12.01 -5.68
CA ALA A 45 -5.36 12.22 -6.10
C ALA A 45 -4.95 13.67 -5.94
N GLN A 46 -5.85 14.59 -6.27
CA GLN A 46 -5.52 16.02 -6.20
C GLN A 46 -5.49 16.50 -4.75
N THR A 47 -6.29 15.90 -3.86
CA THR A 47 -6.19 16.21 -2.44
C THR A 47 -4.82 15.77 -1.90
N ALA A 48 -4.39 14.57 -2.24
CA ALA A 48 -3.07 14.10 -1.81
C ALA A 48 -1.97 15.00 -2.36
N GLU A 49 -2.09 15.45 -3.61
CA GLU A 49 -1.07 16.34 -4.17
C GLU A 49 -1.07 17.68 -3.44
N LYS A 50 -2.25 18.18 -3.08
CA LYS A 50 -2.32 19.39 -2.27
C LYS A 50 -1.55 19.21 -0.98
N GLY A 51 -1.58 18.01 -0.40
CA GLY A 51 -0.81 17.73 0.78
C GLY A 51 0.64 17.38 0.56
N LEU A 52 1.14 17.54 -0.68
CA LEU A 52 2.53 17.26 -1.04
C LEU A 52 2.90 15.79 -0.89
N PHE A 53 1.92 14.89 -0.92
CA PHE A 53 2.20 13.47 -0.79
C PHE A 53 3.15 13.01 -1.89
N SER A 54 4.09 12.13 -1.52
N SER A 54 4.09 12.14 -1.52
CA SER A 54 5.05 11.68 -2.51
CA SER A 54 5.05 11.68 -2.51
C SER A 54 4.40 10.78 -3.56
C SER A 54 4.43 10.74 -3.54
N PHE A 55 3.34 10.05 -3.22
CA PHE A 55 2.71 9.17 -4.20
C PHE A 55 1.29 8.82 -3.81
N ILE A 56 0.54 8.41 -4.83
CA ILE A 56 -0.69 7.66 -4.64
C ILE A 56 -0.42 6.20 -4.96
N PHE A 57 -1.21 5.31 -4.35
CA PHE A 57 -1.01 3.88 -4.45
C PHE A 57 -2.34 3.22 -4.79
N ILE A 58 -2.34 2.37 -5.81
CA ILE A 58 -3.51 1.60 -6.24
C ILE A 58 -3.20 0.12 -6.03
N ALA A 59 -3.91 -0.52 -5.11
CA ALA A 59 -3.81 -1.95 -4.88
C ALA A 59 -4.54 -2.71 -5.98
N ASP A 60 -4.44 -4.03 -5.96
CA ASP A 60 -5.12 -4.78 -7.01
C ASP A 60 -5.50 -6.17 -6.52
N GLY A 61 -6.32 -6.84 -7.33
CA GLY A 61 -6.68 -8.23 -7.10
C GLY A 61 -7.06 -8.87 -8.41
N LEU A 62 -6.95 -10.20 -8.46
CA LEU A 62 -7.13 -10.90 -9.73
C LEU A 62 -8.12 -12.05 -9.65
N PHE A 63 -8.92 -12.12 -8.58
CA PHE A 63 -9.83 -13.24 -8.38
C PHE A 63 -10.89 -12.79 -7.39
N ILE A 64 -12.16 -13.07 -7.69
CA ILE A 64 -13.25 -12.70 -6.80
C ILE A 64 -14.27 -13.82 -6.72
N SER A 65 -15.08 -13.76 -5.67
CA SER A 65 -16.28 -14.58 -5.54
C SER A 65 -17.42 -13.70 -5.07
N GLU A 66 -18.59 -14.32 -4.95
CA GLU A 66 -19.77 -13.66 -4.40
C GLU A 66 -19.54 -13.08 -3.02
N LYS A 67 -18.53 -13.55 -2.30
CA LYS A 67 -18.29 -13.09 -0.95
C LYS A 67 -17.19 -12.04 -0.86
N SER A 68 -16.58 -11.66 -1.99
CA SER A 68 -15.56 -10.63 -1.97
C SER A 68 -16.16 -9.29 -1.54
N ILE A 69 -15.34 -8.45 -0.91
CA ILE A 69 -15.84 -7.16 -0.43
C ILE A 69 -16.24 -6.32 -1.65
N PRO A 70 -17.18 -5.39 -1.50
CA PRO A 70 -17.70 -4.64 -2.66
C PRO A 70 -16.64 -3.97 -3.51
N HIS A 71 -15.60 -3.38 -2.90
CA HIS A 71 -14.57 -2.75 -3.74
C HIS A 71 -13.91 -3.74 -4.68
N PHE A 72 -13.70 -4.98 -4.21
CA PHE A 72 -13.02 -5.98 -5.03
C PHE A 72 -13.87 -6.44 -6.21
N LEU A 73 -15.19 -6.32 -6.11
CA LEU A 73 -16.10 -6.86 -7.12
C LEU A 73 -16.04 -6.08 -8.43
N ASN A 74 -15.75 -4.79 -8.35
CA ASN A 74 -15.96 -3.90 -9.50
C ASN A 74 -15.07 -2.69 -9.27
N ARG A 75 -13.92 -2.64 -9.96
CA ARG A 75 -12.87 -1.70 -9.60
C ARG A 75 -12.04 -1.39 -10.83
N PHE A 76 -11.37 -0.24 -10.79
CA PHE A 76 -10.43 0.09 -11.88
C PHE A 76 -9.24 -0.86 -11.86
N GLU A 77 -8.65 -1.07 -13.03
CA GLU A 77 -7.38 -1.76 -13.15
C GLU A 77 -6.25 -0.75 -12.99
N PRO A 78 -5.07 -1.12 -12.44
CA PRO A 78 -4.14 -0.07 -12.00
C PRO A 78 -3.43 0.70 -13.11
N ILE A 79 -2.91 0.06 -14.16
CA ILE A 79 -2.13 0.87 -15.10
C ILE A 79 -3.03 1.89 -15.78
N THR A 80 -4.29 1.54 -16.02
CA THR A 80 -5.19 2.48 -16.70
C THR A 80 -5.54 3.66 -15.81
N ILE A 81 -5.93 3.40 -14.54
CA ILE A 81 -6.31 4.52 -13.69
C ILE A 81 -5.12 5.40 -13.39
N LEU A 82 -3.93 4.82 -13.20
CA LEU A 82 -2.76 5.65 -12.94
C LEU A 82 -2.40 6.52 -14.15
N SER A 83 -2.53 5.97 -15.36
CA SER A 83 -2.24 6.78 -16.54
C SER A 83 -3.24 7.92 -16.70
N ALA A 84 -4.53 7.64 -16.39
CA ALA A 84 -5.52 8.70 -16.45
C ALA A 84 -5.24 9.77 -15.40
N LEU A 85 -4.79 9.36 -14.21
CA LEU A 85 -4.48 10.33 -13.16
C LEU A 85 -3.23 11.15 -13.47
N ALA A 86 -2.30 10.58 -14.26
CA ALA A 86 -1.10 11.31 -14.64
C ALA A 86 -1.46 12.63 -15.31
N SER A 87 -2.50 12.62 -16.15
CA SER A 87 -2.87 13.80 -16.93
C SER A 87 -3.45 14.93 -16.10
N VAL A 88 -3.93 14.64 -14.89
CA VAL A 88 -4.60 15.65 -14.08
C VAL A 88 -3.88 15.91 -12.77
N THR A 89 -2.62 15.47 -12.66
CA THR A 89 -1.77 15.74 -11.51
C THR A 89 -0.41 16.20 -12.02
N LYS A 90 0.45 16.69 -11.13
CA LYS A 90 1.71 17.29 -11.59
C LYS A 90 2.95 16.59 -11.04
N ASN A 91 3.09 16.49 -9.72
CA ASN A 91 4.31 16.00 -9.06
C ASN A 91 4.15 14.68 -8.32
N ILE A 92 2.94 14.28 -8.02
CA ILE A 92 2.71 13.16 -7.13
C ILE A 92 3.00 11.84 -7.84
N GLY A 93 3.64 10.91 -7.13
CA GLY A 93 3.95 9.61 -7.69
C GLY A 93 2.72 8.77 -7.97
N LEU A 94 2.90 7.77 -8.84
CA LEU A 94 1.81 6.94 -9.35
C LEU A 94 2.24 5.48 -9.23
N VAL A 95 1.86 4.82 -8.14
CA VAL A 95 2.36 3.50 -7.80
C VAL A 95 1.23 2.50 -7.97
N GLY A 96 1.46 1.48 -8.80
CA GLY A 96 0.45 0.50 -9.11
C GLY A 96 0.89 -0.92 -8.82
N THR A 97 -0.05 -1.76 -8.42
CA THR A 97 0.22 -3.15 -8.12
C THR A 97 0.14 -3.99 -9.39
N PHE A 98 1.20 -4.75 -9.67
CA PHE A 98 1.18 -5.76 -10.74
C PHE A 98 1.87 -7.02 -10.22
N SER A 99 1.31 -8.17 -10.54
CA SER A 99 1.87 -9.45 -10.11
C SER A 99 2.91 -9.97 -11.10
N THR A 100 3.91 -10.67 -10.55
CA THR A 100 4.88 -11.38 -11.40
C THR A 100 4.39 -12.75 -11.86
N SER A 101 3.21 -13.20 -11.40
CA SER A 101 2.81 -14.60 -11.59
C SER A 101 2.31 -14.89 -13.01
N PHE A 102 1.72 -13.92 -13.68
CA PHE A 102 1.04 -14.26 -14.93
C PHE A 102 1.57 -13.50 -16.13
N THR A 103 1.79 -12.20 -16.02
CA THR A 103 2.08 -11.36 -17.18
C THR A 103 3.57 -11.43 -17.53
N GLU A 104 3.86 -11.39 -18.83
CA GLU A 104 5.24 -11.44 -19.26
C GLU A 104 5.96 -10.15 -18.86
N PRO A 105 7.24 -10.25 -18.48
CA PRO A 105 7.95 -9.04 -18.06
C PRO A 105 8.12 -8.01 -19.17
N PHE A 106 8.17 -8.42 -20.44
CA PHE A 106 8.23 -7.41 -21.50
C PHE A 106 7.00 -6.50 -21.47
N THR A 107 5.82 -7.07 -21.26
CA THR A 107 4.60 -6.28 -21.21
C THR A 107 4.61 -5.33 -20.03
N ILE A 108 4.93 -5.85 -18.84
CA ILE A 108 4.96 -5.03 -17.63
C ILE A 108 6.01 -3.94 -17.76
N SER A 109 7.18 -4.29 -18.29
CA SER A 109 8.26 -3.32 -18.46
C SER A 109 7.82 -2.16 -19.35
N ARG A 110 7.19 -2.47 -20.50
CA ARG A 110 6.70 -1.43 -21.41
C ARG A 110 5.64 -0.55 -20.74
N GLN A 111 4.66 -1.16 -20.11
CA GLN A 111 3.55 -0.39 -19.58
C GLN A 111 4.03 0.54 -18.46
N LEU A 112 4.87 0.04 -17.55
CA LEU A 112 5.41 0.91 -16.50
C LEU A 112 6.28 2.01 -17.07
N MET A 113 7.15 1.69 -18.04
CA MET A 113 8.02 2.74 -18.55
C MET A 113 7.21 3.76 -19.36
N SER A 114 6.17 3.31 -20.07
CA SER A 114 5.33 4.25 -20.79
C SER A 114 4.63 5.21 -19.82
N LEU A 115 4.09 4.68 -18.71
CA LEU A 115 3.55 5.56 -17.66
C LEU A 115 4.62 6.52 -17.16
N ASP A 116 5.86 6.04 -17.03
CA ASP A 116 6.94 6.89 -16.55
C ASP A 116 7.23 8.03 -17.54
N HIS A 117 7.04 7.80 -18.83
CA HIS A 117 7.23 8.90 -19.79
C HIS A 117 6.03 9.82 -19.81
N ILE A 118 4.81 9.26 -19.82
CA ILE A 118 3.61 10.09 -19.80
C ILE A 118 3.64 11.05 -18.62
N SER A 119 4.08 10.57 -17.46
CA SER A 119 3.99 11.32 -16.22
C SER A 119 5.23 12.16 -15.92
N GLY A 120 6.26 12.12 -16.77
CA GLY A 120 7.48 12.84 -16.46
C GLY A 120 8.31 12.24 -15.34
N GLY A 121 8.21 10.93 -15.12
CA GLY A 121 9.10 10.25 -14.19
C GLY A 121 8.47 10.02 -12.83
N ARG A 122 7.21 9.61 -12.80
CA ARG A 122 6.48 9.45 -11.55
C ARG A 122 5.97 8.03 -11.31
N ALA A 123 6.36 7.06 -12.14
CA ALA A 123 5.79 5.73 -12.03
C ALA A 123 6.46 4.91 -10.93
N GLY A 124 5.66 4.05 -10.30
CA GLY A 124 6.17 3.06 -9.37
C GLY A 124 5.41 1.76 -9.52
N TRP A 125 6.09 0.66 -9.18
CA TRP A 125 5.56 -0.70 -9.30
C TRP A 125 5.55 -1.33 -7.92
N ASN A 126 4.36 -1.60 -7.37
CA ASN A 126 4.24 -2.48 -6.20
C ASN A 126 4.20 -3.92 -6.68
N LEU A 127 5.28 -4.65 -6.45
CA LEU A 127 5.45 -5.98 -7.02
C LEU A 127 4.84 -7.00 -6.08
N VAL A 128 3.86 -7.77 -6.56
CA VAL A 128 3.27 -8.82 -5.75
C VAL A 128 3.66 -10.18 -6.30
N THR A 129 4.24 -11.01 -5.43
CA THR A 129 4.75 -12.31 -5.82
C THR A 129 3.70 -13.39 -5.70
N SER A 130 2.69 -13.18 -4.83
CA SER A 130 1.79 -14.24 -4.38
C SER A 130 0.34 -13.76 -4.40
N PRO A 131 -0.35 -13.87 -5.53
CA PRO A 131 -1.78 -13.53 -5.57
C PRO A 131 -2.62 -14.65 -4.95
N GLN A 132 -3.93 -14.44 -4.92
CA GLN A 132 -4.81 -15.49 -4.42
C GLN A 132 -4.69 -16.73 -5.29
N GLU A 133 -4.83 -17.91 -4.65
CA GLU A 133 -4.74 -19.16 -5.39
C GLU A 133 -5.69 -19.18 -6.59
N GLY A 134 -6.92 -18.72 -6.40
CA GLY A 134 -7.89 -18.72 -7.48
C GLY A 134 -7.48 -17.92 -8.71
N ALA A 135 -6.64 -16.90 -8.52
CA ALA A 135 -6.16 -16.12 -9.67
C ALA A 135 -5.49 -17.00 -10.71
N ALA A 136 -4.87 -18.10 -10.30
CA ALA A 136 -4.23 -18.98 -11.29
C ALA A 136 -5.23 -19.46 -12.32
N ARG A 137 -6.45 -19.73 -11.88
CA ARG A 137 -7.49 -20.27 -12.75
C ARG A 137 -8.15 -19.20 -13.62
N ASN A 138 -7.77 -17.94 -13.46
CA ASN A 138 -8.15 -16.87 -14.38
C ASN A 138 -7.08 -16.61 -15.41
N HIS A 139 -5.95 -17.33 -15.35
CA HIS A 139 -4.80 -17.08 -16.23
C HIS A 139 -4.24 -18.39 -16.78
N SER A 140 -5.11 -19.36 -17.06
CA SER A 140 -4.74 -20.59 -17.77
C SER A 140 -3.68 -21.41 -17.02
N LYS A 141 -3.79 -21.45 -15.70
CA LYS A 141 -2.95 -22.30 -14.86
C LYS A 141 -3.83 -23.14 -13.95
N SER A 142 -3.42 -24.37 -13.70
N SER A 142 -3.42 -24.37 -13.70
CA SER A 142 -4.16 -25.22 -12.77
CA SER A 142 -4.17 -25.21 -12.77
C SER A 142 -4.03 -24.73 -11.34
C SER A 142 -4.03 -24.74 -11.33
N ASN A 143 -2.88 -24.17 -10.98
CA ASN A 143 -2.59 -23.76 -9.61
C ASN A 143 -1.41 -22.80 -9.66
N LEU A 144 -1.23 -22.07 -8.58
CA LEU A 144 -0.04 -21.24 -8.44
C LEU A 144 1.17 -22.09 -8.05
N PRO A 145 2.37 -21.67 -8.43
CA PRO A 145 3.59 -22.31 -7.91
C PRO A 145 3.65 -22.16 -6.39
N GLU A 146 4.49 -23.01 -5.78
CA GLU A 146 4.69 -22.96 -4.33
C GLU A 146 5.41 -21.68 -3.92
N HIS A 147 5.26 -21.33 -2.63
CA HIS A 147 5.82 -20.11 -2.05
C HIS A 147 7.27 -19.85 -2.49
N THR A 148 8.15 -20.83 -2.31
CA THR A 148 9.56 -20.65 -2.68
C THR A 148 9.69 -20.36 -4.17
N GLU A 149 9.02 -21.14 -5.01
CA GLU A 149 9.11 -20.94 -6.44
C GLU A 149 8.52 -19.60 -6.87
N ARG A 150 7.48 -19.11 -6.19
CA ARG A 150 6.93 -17.81 -6.57
C ARG A 150 7.95 -16.70 -6.41
N TYR A 151 8.83 -16.81 -5.40
CA TYR A 151 9.84 -15.78 -5.21
C TYR A 151 11.00 -15.92 -6.20
N GLU A 152 11.32 -17.14 -6.63
CA GLU A 152 12.30 -17.31 -7.70
C GLU A 152 11.78 -16.75 -9.02
N ILE A 153 10.51 -17.03 -9.34
CA ILE A 153 9.88 -16.43 -10.52
C ILE A 153 9.93 -14.91 -10.43
N ALA A 154 9.60 -14.36 -9.26
CA ALA A 154 9.55 -12.91 -9.11
C ALA A 154 10.93 -12.28 -9.29
N GLN A 155 11.97 -12.93 -8.78
CA GLN A 155 13.32 -12.39 -8.96
C GLN A 155 13.69 -12.32 -10.43
N GLU A 156 13.39 -13.40 -11.18
CA GLU A 156 13.75 -13.40 -12.60
C GLU A 156 12.90 -12.41 -13.38
N HIS A 157 11.62 -12.32 -13.06
CA HIS A 157 10.72 -11.36 -13.68
C HIS A 157 11.24 -9.93 -13.48
N LEU A 158 11.55 -9.58 -12.23
CA LEU A 158 12.06 -8.23 -11.96
C LEU A 158 13.40 -7.98 -12.66
N ASP A 159 14.29 -8.97 -12.64
CA ASP A 159 15.58 -8.81 -13.32
C ASP A 159 15.38 -8.52 -14.80
N VAL A 160 14.42 -9.19 -15.43
CA VAL A 160 14.15 -8.94 -16.85
C VAL A 160 13.55 -7.56 -17.04
N VAL A 161 12.59 -7.18 -16.18
CA VAL A 161 11.96 -5.88 -16.31
C VAL A 161 13.00 -4.78 -16.21
N ARG A 162 13.88 -4.86 -15.20
CA ARG A 162 14.90 -3.83 -15.03
C ARG A 162 15.95 -3.90 -16.14
N GLY A 163 16.29 -5.10 -16.59
CA GLY A 163 17.18 -5.22 -17.73
C GLY A 163 16.64 -4.55 -18.97
N LEU A 164 15.34 -4.75 -19.25
CA LEU A 164 14.70 -4.12 -20.41
C LEU A 164 14.65 -2.60 -20.25
N TRP A 165 14.41 -2.11 -19.05
CA TRP A 165 14.44 -0.66 -18.83
C TRP A 165 15.78 -0.05 -19.18
N ASN A 166 16.84 -0.85 -19.17
CA ASN A 166 18.17 -0.34 -19.51
C ASN A 166 18.59 -0.73 -20.93
N SER A 167 17.61 -1.04 -21.80
CA SER A 167 17.91 -1.29 -23.21
C SER A 167 18.58 -0.08 -23.85
N TRP A 168 18.12 1.12 -23.51
CA TRP A 168 18.66 2.36 -24.06
C TRP A 168 19.37 3.15 -22.97
N GLU A 169 20.55 3.68 -23.29
CA GLU A 169 21.21 4.60 -22.38
C GLU A 169 20.48 5.94 -22.39
N HIS A 170 20.68 6.72 -21.32
CA HIS A 170 19.90 7.94 -21.15
C HIS A 170 20.17 8.95 -22.27
N ASP A 171 21.35 8.90 -22.89
CA ASP A 171 21.70 9.83 -23.96
C ASP A 171 21.79 9.13 -25.32
N ALA A 172 21.02 8.04 -25.50
CA ALA A 172 21.08 7.30 -26.76
C ALA A 172 20.45 8.06 -27.92
N PHE A 173 19.46 8.91 -27.66
CA PHE A 173 18.69 9.49 -28.76
C PHE A 173 19.26 10.86 -29.13
N ILE A 174 20.07 10.85 -30.19
CA ILE A 174 20.79 12.03 -30.66
C ILE A 174 19.86 12.98 -31.38
N HIS A 175 18.94 12.45 -32.20
CA HIS A 175 17.97 13.25 -32.94
C HIS A 175 18.65 14.32 -33.79
N ASN A 176 19.72 13.92 -34.49
CA ASN A 176 20.50 14.86 -35.31
C ASN A 176 19.89 14.88 -36.71
N LYS A 177 19.10 15.92 -37.00
CA LYS A 177 18.43 16.00 -38.30
C LYS A 177 19.41 16.18 -39.44
N LYS A 178 20.52 16.89 -39.21
CA LYS A 178 21.44 17.19 -40.29
C LYS A 178 22.17 15.94 -40.75
N THR A 179 22.65 15.11 -39.82
CA THR A 179 23.35 13.89 -40.19
C THR A 179 22.42 12.72 -40.44
N GLY A 180 21.19 12.78 -39.93
CA GLY A 180 20.30 11.65 -40.04
C GLY A 180 20.49 10.60 -38.97
N GLN A 181 21.33 10.86 -37.98
CA GLN A 181 21.52 9.92 -36.88
C GLN A 181 20.43 10.16 -35.83
N PHE A 182 19.45 9.27 -35.80
CA PHE A 182 18.37 9.38 -34.82
C PHE A 182 18.84 8.91 -33.45
N PHE A 183 19.63 7.83 -33.42
CA PHE A 183 20.14 7.29 -32.17
C PHE A 183 21.59 6.82 -32.37
N ASP A 184 22.28 6.65 -31.25
CA ASP A 184 23.63 6.13 -31.23
C ASP A 184 23.56 4.62 -31.02
N GLN A 185 23.95 3.86 -32.05
CA GLN A 185 23.74 2.41 -31.99
C GLN A 185 24.62 1.74 -30.94
N ALA A 186 25.68 2.41 -30.49
CA ALA A 186 26.50 1.88 -29.40
C ALA A 186 25.81 1.99 -28.05
N LYS A 187 24.74 2.76 -27.95
CA LYS A 187 24.02 2.95 -26.70
C LYS A 187 22.71 2.17 -26.63
N LEU A 188 22.57 1.18 -27.50
CA LEU A 188 21.44 0.27 -27.53
C LEU A 188 21.92 -1.12 -27.16
N HIS A 189 21.24 -1.77 -26.22
CA HIS A 189 21.72 -3.03 -25.64
C HIS A 189 20.60 -4.05 -25.63
N ARG A 190 20.86 -5.20 -26.23
CA ARG A 190 19.94 -6.33 -26.13
C ARG A 190 20.12 -7.08 -24.82
N LEU A 191 19.00 -7.51 -24.25
CA LEU A 191 19.06 -8.26 -23.00
C LEU A 191 19.56 -9.69 -23.24
N ASN A 192 19.06 -10.35 -24.29
CA ASN A 192 19.48 -11.72 -24.63
C ASN A 192 19.29 -12.66 -23.44
N HIS A 193 18.19 -12.50 -22.72
CA HIS A 193 17.96 -13.25 -21.49
C HIS A 193 17.36 -14.62 -21.80
N LYS A 194 17.99 -15.68 -21.27
CA LYS A 194 17.45 -17.03 -21.42
C LYS A 194 17.51 -17.70 -20.05
N GLY A 195 16.44 -17.55 -19.28
CA GLY A 195 16.35 -18.08 -17.95
C GLY A 195 15.38 -19.25 -17.84
N LYS A 196 15.23 -19.71 -16.60
CA LYS A 196 14.33 -20.82 -16.31
C LYS A 196 12.88 -20.47 -16.67
N TYR A 197 12.43 -19.29 -16.25
CA TYR A 197 11.02 -18.94 -16.41
C TYR A 197 10.75 -18.03 -17.58
N PHE A 198 11.72 -17.19 -17.97
CA PHE A 198 11.51 -16.21 -19.03
C PHE A 198 12.65 -16.26 -20.03
N GLN A 199 12.31 -16.03 -21.29
CA GLN A 199 13.30 -15.89 -22.36
C GLN A 199 12.92 -14.63 -23.14
N VAL A 200 13.76 -13.59 -23.05
CA VAL A 200 13.40 -12.27 -23.56
C VAL A 200 14.63 -11.70 -24.25
N GLU A 201 14.55 -11.51 -25.56
CA GLU A 201 15.70 -11.09 -26.36
C GLU A 201 15.95 -9.58 -26.21
N GLY A 202 14.89 -8.78 -26.30
CA GLY A 202 15.04 -7.33 -26.34
C GLY A 202 15.42 -6.87 -27.73
N PRO A 203 15.70 -5.57 -27.90
CA PRO A 203 15.60 -4.54 -26.86
C PRO A 203 14.18 -4.05 -26.64
N LEU A 204 13.97 -3.37 -25.51
CA LEU A 204 12.69 -2.70 -25.28
C LEU A 204 12.53 -1.54 -26.25
N ASN A 205 11.29 -1.27 -26.65
CA ASN A 205 11.01 -0.18 -27.59
C ASN A 205 10.53 1.07 -26.87
N ILE A 206 11.14 1.39 -25.73
CA ILE A 206 10.99 2.70 -25.09
C ILE A 206 12.23 2.94 -24.23
N GLY A 207 12.70 4.20 -24.20
CA GLY A 207 13.96 4.56 -23.58
C GLY A 207 13.81 5.00 -22.13
N ARG A 208 14.85 5.67 -21.61
CA ARG A 208 14.88 6.05 -20.20
C ARG A 208 13.95 7.22 -19.93
N SER A 209 13.37 7.24 -18.73
CA SER A 209 12.48 8.32 -18.33
C SER A 209 13.26 9.44 -17.61
N LYS A 210 12.51 10.47 -17.21
CA LYS A 210 13.12 11.57 -16.48
C LYS A 210 13.61 11.16 -15.10
N GLN A 211 13.17 10.01 -14.57
CA GLN A 211 13.78 9.48 -13.35
C GLN A 211 14.60 8.22 -13.62
N GLY A 212 15.03 8.03 -14.87
CA GLY A 212 15.73 6.81 -15.22
C GLY A 212 14.74 5.70 -15.50
N GLU A 213 14.15 5.16 -14.44
CA GLU A 213 13.21 4.06 -14.56
C GLU A 213 12.31 4.08 -13.34
N PRO A 214 11.17 3.37 -13.39
CA PRO A 214 10.24 3.38 -12.26
C PRO A 214 10.85 2.84 -10.96
N VAL A 215 10.24 3.27 -9.85
CA VAL A 215 10.61 2.86 -8.50
C VAL A 215 9.88 1.56 -8.16
N VAL A 216 10.54 0.64 -7.45
CA VAL A 216 9.94 -0.64 -7.09
C VAL A 216 9.56 -0.66 -5.60
N PHE A 217 8.30 -1.02 -5.33
CA PHE A 217 7.75 -1.18 -3.99
C PHE A 217 7.49 -2.66 -3.74
N GLN A 218 7.53 -3.08 -2.48
CA GLN A 218 7.26 -4.48 -2.18
C GLN A 218 6.73 -4.58 -0.76
N ALA A 219 5.88 -5.57 -0.51
CA ALA A 219 5.28 -5.74 0.80
C ALA A 219 5.56 -7.13 1.36
N GLY A 220 6.78 -7.63 1.18
CA GLY A 220 7.12 -8.95 1.69
C GLY A 220 7.14 -8.97 3.20
N SER A 221 6.45 -9.95 3.80
CA SER A 221 6.38 -10.08 5.25
C SER A 221 7.01 -11.36 5.79
N SER A 222 6.95 -12.45 5.04
CA SER A 222 7.59 -13.69 5.47
C SER A 222 9.11 -13.50 5.51
N GLU A 223 9.79 -14.51 6.05
CA GLU A 223 11.26 -14.53 6.01
C GLU A 223 11.75 -14.36 4.58
N THR A 224 11.19 -15.15 3.66
CA THR A 224 11.58 -15.06 2.25
C THR A 224 11.23 -13.69 1.67
N GLY A 225 10.04 -13.18 1.99
CA GLY A 225 9.61 -11.90 1.43
C GLY A 225 10.40 -10.72 1.97
N ARG A 226 10.71 -10.74 3.27
CA ARG A 226 11.55 -9.69 3.84
C ARG A 226 12.91 -9.65 3.15
N GLN A 227 13.50 -10.83 2.92
CA GLN A 227 14.81 -10.86 2.27
C GLN A 227 14.70 -10.40 0.82
N PHE A 228 13.65 -10.83 0.11
CA PHE A 228 13.45 -10.40 -1.27
C PHE A 228 13.28 -8.88 -1.36
N ALA A 229 12.52 -8.29 -0.43
CA ALA A 229 12.32 -6.85 -0.46
C ALA A 229 13.61 -6.11 -0.11
N ALA A 230 14.34 -6.59 0.90
CA ALA A 230 15.61 -5.96 1.27
C ALA A 230 16.60 -5.99 0.13
N LYS A 231 16.58 -7.06 -0.67
CA LYS A 231 17.49 -7.18 -1.81
C LYS A 231 17.10 -6.25 -2.95
N ASN A 232 15.80 -6.09 -3.22
CA ASN A 232 15.33 -5.56 -4.49
C ASN A 232 14.55 -4.25 -4.41
N ALA A 233 13.88 -3.95 -3.31
CA ALA A 233 12.91 -2.88 -3.30
C ALA A 233 13.53 -1.53 -2.95
N ASP A 234 12.94 -0.48 -3.51
CA ASP A 234 13.24 0.89 -3.12
C ASP A 234 12.40 1.33 -1.92
N ALA A 235 11.18 0.79 -1.79
CA ALA A 235 10.29 1.13 -0.70
C ALA A 235 9.49 -0.10 -0.32
N ILE A 236 9.15 -0.19 0.95
CA ILE A 236 8.53 -1.39 1.50
C ILE A 236 7.31 -0.98 2.30
N PHE A 237 6.17 -1.62 2.02
CA PHE A 237 4.94 -1.43 2.79
C PHE A 237 4.91 -2.44 3.93
N THR A 238 4.35 -2.03 5.08
CA THR A 238 4.14 -2.99 6.15
C THR A 238 2.92 -2.57 6.96
N HIS A 239 2.61 -3.34 8.00
CA HIS A 239 1.48 -3.01 8.84
C HIS A 239 1.92 -2.15 10.02
N SER A 240 0.93 -1.67 10.77
CA SER A 240 1.16 -0.82 11.93
C SER A 240 0.43 -1.37 13.14
N ASN A 241 0.45 -2.70 13.30
CA ASN A 241 -0.32 -3.33 14.38
C ASN A 241 0.12 -2.83 15.76
N SER A 242 1.40 -2.57 15.94
CA SER A 242 1.89 -1.97 17.18
C SER A 242 3.23 -1.31 16.90
N LEU A 243 3.56 -0.32 17.73
CA LEU A 243 4.85 0.35 17.57
C LEU A 243 6.01 -0.65 17.70
N GLU A 244 5.92 -1.52 18.68
CA GLU A 244 6.97 -2.48 18.87
C GLU A 244 7.18 -3.39 17.68
N GLU A 245 6.11 -3.96 17.16
CA GLU A 245 6.22 -4.86 16.01
C GLU A 245 6.77 -4.12 14.79
N THR A 246 6.30 -2.90 14.56
CA THR A 246 6.76 -2.16 13.39
C THR A 246 8.22 -1.76 13.53
N LYS A 247 8.64 -1.36 14.73
CA LYS A 247 10.06 -1.09 14.99
C LYS A 247 10.92 -2.32 14.70
N ALA A 248 10.46 -3.50 15.11
CA ALA A 248 11.23 -4.72 14.88
C ALA A 248 11.32 -5.02 13.39
N PHE A 249 10.21 -4.88 12.67
CA PHE A 249 10.22 -5.07 11.21
C PHE A 249 11.20 -4.12 10.55
N TYR A 250 11.13 -2.83 10.91
CA TYR A 250 12.01 -1.82 10.33
C TYR A 250 13.48 -2.19 10.52
N ALA A 251 13.86 -2.52 11.76
CA ALA A 251 15.26 -2.84 12.04
C ALA A 251 15.70 -4.09 11.30
N ASP A 252 14.81 -5.09 11.21
CA ASP A 252 15.15 -6.34 10.54
C ASP A 252 15.41 -6.13 9.06
N VAL A 253 14.51 -5.40 8.39
CA VAL A 253 14.65 -5.18 6.95
C VAL A 253 15.86 -4.32 6.66
N LYS A 254 16.10 -3.29 7.47
CA LYS A 254 17.26 -2.43 7.24
C LYS A 254 18.56 -3.21 7.41
N SER A 255 18.58 -4.13 8.38
CA SER A 255 19.74 -4.99 8.56
C SER A 255 19.92 -5.95 7.39
N ARG A 256 18.83 -6.54 6.90
CA ARG A 256 18.93 -7.43 5.75
C ARG A 256 19.44 -6.68 4.53
N ALA A 257 19.03 -5.42 4.35
CA ALA A 257 19.50 -4.64 3.22
C ALA A 257 21.00 -4.40 3.30
N ALA A 258 21.52 -4.13 4.50
CA ALA A 258 22.96 -4.00 4.67
C ALA A 258 23.67 -5.32 4.38
N ASP A 259 23.06 -6.45 4.77
CA ASP A 259 23.60 -7.76 4.42
C ASP A 259 23.70 -7.94 2.92
N GLU A 260 22.77 -7.39 2.15
CA GLU A 260 22.80 -7.48 0.69
C GLU A 260 23.72 -6.45 0.06
N GLY A 261 24.46 -5.68 0.84
CA GLY A 261 25.40 -4.72 0.29
C GLY A 261 24.80 -3.39 -0.08
N ARG A 262 23.63 -3.05 0.45
CA ARG A 262 22.96 -1.80 0.11
C ARG A 262 23.09 -0.79 1.25
N ASP A 263 23.01 0.48 0.90
CA ASP A 263 22.84 1.54 1.89
C ASP A 263 21.42 1.44 2.45
N PRO A 264 21.24 1.19 3.75
CA PRO A 264 19.88 1.02 4.29
C PRO A 264 18.98 2.24 4.11
N SER A 265 19.55 3.44 3.98
CA SER A 265 18.73 4.62 3.74
C SER A 265 18.11 4.64 2.35
N SER A 266 18.60 3.80 1.42
CA SER A 266 17.99 3.72 0.10
C SER A 266 16.76 2.81 0.06
N VAL A 267 16.34 2.27 1.20
CA VAL A 267 15.15 1.45 1.28
C VAL A 267 14.22 2.16 2.26
N ARG A 268 13.10 2.66 1.76
CA ARG A 268 12.18 3.49 2.54
C ARG A 268 11.02 2.63 3.02
N ILE A 269 10.77 2.63 4.33
CA ILE A 269 9.78 1.73 4.92
C ILE A 269 8.54 2.53 5.30
N PHE A 270 7.39 2.10 4.78
CA PHE A 270 6.11 2.81 4.89
C PHE A 270 5.06 1.91 5.53
N PRO A 271 4.84 1.98 6.85
CA PRO A 271 3.67 1.28 7.42
C PRO A 271 2.38 1.92 6.97
N GLY A 272 1.31 1.12 6.93
CA GLY A 272 0.00 1.60 6.54
C GLY A 272 -0.82 2.00 7.75
N ILE A 273 -1.43 3.18 7.69
CA ILE A 273 -2.32 3.64 8.76
C ILE A 273 -3.58 4.21 8.11
N SER A 274 -4.69 4.17 8.86
CA SER A 274 -5.96 4.76 8.42
C SER A 274 -6.42 5.72 9.51
N PRO A 275 -5.88 6.93 9.54
CA PRO A 275 -6.18 7.85 10.64
C PRO A 275 -7.55 8.49 10.53
N ILE A 276 -8.12 8.78 11.69
CA ILE A 276 -9.43 9.41 11.82
C ILE A 276 -9.21 10.70 12.60
N VAL A 277 -9.12 11.82 11.89
CA VAL A 277 -8.77 13.11 12.46
C VAL A 277 -10.03 13.97 12.58
N ALA A 278 -10.24 14.54 13.76
CA ALA A 278 -11.33 15.48 13.99
C ALA A 278 -10.86 16.52 14.99
N ASP A 279 -11.67 17.58 15.15
CA ASP A 279 -11.26 18.69 16.00
C ASP A 279 -11.23 18.33 17.48
N THR A 280 -12.01 17.34 17.92
CA THR A 280 -11.99 16.90 19.30
C THR A 280 -11.88 15.39 19.36
N GLU A 281 -11.41 14.90 20.51
CA GLU A 281 -11.38 13.47 20.75
C GLU A 281 -12.76 12.84 20.57
N GLU A 282 -13.78 13.48 21.15
CA GLU A 282 -15.13 12.93 21.09
C GLU A 282 -15.66 12.89 19.65
N GLU A 283 -15.39 13.94 18.87
CA GLU A 283 -15.83 13.98 17.48
C GLU A 283 -15.20 12.86 16.66
N ALA A 284 -13.91 12.59 16.89
CA ALA A 284 -13.25 11.53 16.15
C ALA A 284 -13.81 10.18 16.54
N GLU A 285 -14.05 9.97 17.83
CA GLU A 285 -14.64 8.72 18.29
C GLU A 285 -16.05 8.55 17.73
N LYS A 286 -16.82 9.63 17.66
CA LYS A 286 -18.16 9.55 17.07
C LYS A 286 -18.10 9.08 15.61
N LYS A 287 -17.13 9.58 14.85
CA LYS A 287 -16.98 9.14 13.46
C LYS A 287 -16.60 7.67 13.39
N TYR A 288 -15.67 7.23 14.24
CA TYR A 288 -15.34 5.80 14.29
C TYR A 288 -16.59 4.96 14.59
N ARG A 289 -17.38 5.39 15.57
CA ARG A 289 -18.53 4.60 15.99
C ARG A 289 -19.59 4.54 14.90
N GLU A 290 -19.77 5.63 14.14
CA GLU A 290 -20.70 5.62 13.02
C GLU A 290 -20.36 4.53 12.02
N PHE A 291 -19.07 4.29 11.80
CA PHE A 291 -18.68 3.26 10.84
C PHE A 291 -18.69 1.87 11.47
N ALA A 292 -18.29 1.77 12.74
CA ALA A 292 -18.30 0.47 13.40
C ALA A 292 -19.71 -0.07 13.54
N GLU A 293 -20.71 0.81 13.64
CA GLU A 293 -22.10 0.40 13.81
C GLU A 293 -22.76 -0.05 12.51
N LEU A 294 -22.08 0.09 11.37
CA LEU A 294 -22.69 -0.30 10.10
C LEU A 294 -22.76 -1.82 9.92
N ILE A 295 -21.92 -2.57 10.61
CA ILE A 295 -21.89 -4.03 10.42
C ILE A 295 -23.21 -4.62 10.91
N PRO A 296 -23.84 -5.52 10.16
CA PRO A 296 -24.98 -6.27 10.71
C PRO A 296 -24.55 -7.05 11.94
N ILE A 297 -25.21 -6.78 13.06
CA ILE A 297 -24.67 -7.22 14.35
C ILE A 297 -24.59 -8.74 14.44
N GLU A 298 -25.53 -9.44 13.80
CA GLU A 298 -25.49 -10.91 13.79
C GLU A 298 -24.22 -11.41 13.11
N ASN A 299 -23.77 -10.72 12.05
CA ASN A 299 -22.54 -11.11 11.39
C ASN A 299 -21.33 -10.87 12.29
N ALA A 300 -21.32 -9.77 13.04
CA ALA A 300 -20.18 -9.48 13.90
C ALA A 300 -20.13 -10.42 15.08
N VAL A 301 -21.30 -10.75 15.65
CA VAL A 301 -21.31 -11.68 16.79
C VAL A 301 -20.90 -13.07 16.35
N THR A 302 -21.31 -13.47 15.14
CA THR A 302 -20.88 -14.76 14.59
C THR A 302 -19.37 -14.82 14.44
N TYR A 303 -18.76 -13.75 13.93
CA TYR A 303 -17.30 -13.70 13.81
C TYR A 303 -16.65 -13.60 15.19
N LEU A 304 -17.29 -12.89 16.10
CA LEU A 304 -16.82 -12.88 17.48
C LEU A 304 -16.91 -14.27 18.09
N ALA A 305 -17.94 -15.03 17.72
CA ALA A 305 -18.17 -16.35 18.29
C ALA A 305 -17.00 -17.30 18.02
N ARG A 306 -16.18 -17.00 17.02
CA ARG A 306 -15.04 -17.85 16.68
C ARG A 306 -13.96 -17.85 17.75
N PHE A 307 -14.01 -16.91 18.69
CA PHE A 307 -13.04 -16.81 19.76
C PHE A 307 -13.60 -17.26 21.10
N PHE A 308 -14.88 -17.57 21.17
CA PHE A 308 -15.57 -18.05 22.36
C PHE A 308 -16.45 -19.25 21.99
N ASP A 309 -15.83 -20.22 21.31
CA ASP A 309 -16.60 -21.27 20.64
C ASP A 309 -17.41 -22.10 21.61
N ASP A 310 -16.99 -22.19 22.87
CA ASP A 310 -17.69 -22.99 23.87
C ASP A 310 -18.90 -22.27 24.46
N TYR A 311 -19.40 -21.22 23.82
CA TYR A 311 -20.59 -20.52 24.26
C TYR A 311 -21.43 -20.12 23.07
N ASP A 312 -22.74 -20.05 23.28
CA ASP A 312 -23.65 -19.42 22.33
C ASP A 312 -23.79 -17.96 22.74
N LEU A 313 -23.30 -17.06 21.90
CA LEU A 313 -23.37 -15.65 22.25
C LEU A 313 -24.77 -15.06 22.08
N SER A 314 -25.65 -15.78 21.38
CA SER A 314 -26.99 -15.28 21.13
C SER A 314 -27.85 -15.18 22.39
N VAL A 315 -27.54 -15.97 23.42
CA VAL A 315 -28.31 -15.85 24.66
C VAL A 315 -27.92 -14.62 25.46
N TYR A 316 -26.77 -14.01 25.14
CA TYR A 316 -26.39 -12.87 25.97
C TYR A 316 -27.03 -11.59 25.44
N PRO A 317 -27.71 -10.82 26.29
CA PRO A 317 -28.31 -9.56 25.83
C PRO A 317 -27.24 -8.62 25.28
N LEU A 318 -27.52 -8.07 24.09
CA LEU A 318 -26.52 -7.29 23.35
C LEU A 318 -26.00 -6.12 24.17
N ASP A 319 -26.90 -5.40 24.83
CA ASP A 319 -26.57 -4.11 25.43
C ASP A 319 -26.24 -4.20 26.91
N GLU A 320 -25.81 -5.37 27.37
CA GLU A 320 -25.26 -5.59 28.69
C GLU A 320 -23.76 -5.82 28.61
N PRO A 321 -23.04 -5.69 29.72
CA PRO A 321 -21.58 -5.95 29.69
C PRO A 321 -21.25 -7.29 29.03
N PHE A 322 -20.08 -7.32 28.40
CA PHE A 322 -19.60 -8.55 27.79
C PHE A 322 -19.46 -9.62 28.86
N PRO A 323 -19.95 -10.83 28.62
CA PRO A 323 -19.94 -11.85 29.68
C PRO A 323 -18.53 -12.25 30.10
N ASP A 324 -18.42 -12.70 31.35
CA ASP A 324 -17.14 -13.17 31.89
C ASP A 324 -16.89 -14.60 31.42
N ILE A 325 -17.25 -14.88 30.18
CA ILE A 325 -17.00 -16.17 29.55
C ILE A 325 -15.54 -16.19 29.09
N GLY A 326 -15.13 -17.30 28.46
CA GLY A 326 -13.80 -17.38 27.93
C GLY A 326 -12.95 -18.46 28.56
N ASP A 327 -13.06 -18.62 29.88
CA ASP A 327 -12.30 -19.61 30.61
C ASP A 327 -10.90 -19.63 30.06
N VAL A 328 -10.41 -20.84 29.79
CA VAL A 328 -9.08 -21.00 29.18
C VAL A 328 -9.20 -21.91 27.97
N GLY A 329 -9.42 -23.20 28.19
CA GLY A 329 -9.41 -24.15 27.10
C GLY A 329 -8.09 -24.09 26.36
N LYS A 330 -8.17 -24.14 25.04
CA LYS A 330 -7.02 -23.84 24.18
C LYS A 330 -7.43 -23.75 22.72
N ASN A 331 -7.34 -22.56 22.14
CA ASN A 331 -7.65 -22.35 20.74
C ASN A 331 -6.45 -21.70 20.04
N ALA A 332 -6.31 -21.97 18.74
CA ALA A 332 -5.19 -21.46 17.97
C ALA A 332 -5.06 -19.95 18.09
N PHE A 333 -6.18 -19.26 18.29
CA PHE A 333 -6.20 -17.84 18.66
C PHE A 333 -6.88 -17.74 20.03
N GLN A 334 -6.10 -18.02 21.08
CA GLN A 334 -6.51 -17.88 22.47
C GLN A 334 -5.92 -16.65 23.13
N SER A 335 -4.66 -16.33 22.86
CA SER A 335 -4.11 -15.05 23.31
C SER A 335 -4.92 -13.89 22.77
N THR A 336 -5.50 -14.05 21.58
CA THR A 336 -6.49 -13.10 21.10
C THR A 336 -7.65 -13.00 22.08
N THR A 337 -8.17 -14.16 22.53
CA THR A 337 -9.34 -14.15 23.40
C THR A 337 -9.04 -13.50 24.75
N ASP A 338 -7.79 -13.52 25.20
CA ASP A 338 -7.51 -12.85 26.47
C ASP A 338 -7.34 -11.35 26.28
N ARG A 339 -6.83 -10.92 25.12
CA ARG A 339 -6.83 -9.49 24.81
C ARG A 339 -8.26 -8.97 24.71
N ILE A 340 -9.13 -9.72 24.05
CA ILE A 340 -10.54 -9.34 23.95
C ILE A 340 -11.15 -9.25 25.35
N LYS A 341 -10.93 -10.29 26.17
CA LYS A 341 -11.47 -10.28 27.53
C LYS A 341 -10.94 -9.09 28.32
N ARG A 342 -9.65 -8.78 28.14
CA ARG A 342 -9.03 -7.71 28.92
C ARG A 342 -9.51 -6.33 28.48
N GLU A 343 -9.65 -6.12 27.16
CA GLU A 343 -10.16 -4.85 26.66
C GLU A 343 -11.61 -4.64 27.09
N ALA A 344 -12.43 -5.69 26.99
CA ALA A 344 -13.85 -5.56 27.34
C ALA A 344 -14.01 -5.17 28.82
N LYS A 345 -13.13 -5.66 29.68
CA LYS A 345 -13.17 -5.27 31.08
C LYS A 345 -12.58 -3.87 31.29
N ALA A 346 -11.51 -3.54 30.56
CA ALA A 346 -10.85 -2.26 30.73
C ALA A 346 -11.75 -1.09 30.35
N ARG A 347 -12.60 -1.26 29.34
CA ARG A 347 -13.48 -0.17 28.90
C ARG A 347 -14.95 -0.48 29.11
N ASN A 348 -15.27 -1.53 29.88
CA ASN A 348 -16.65 -1.90 30.22
C ASN A 348 -17.53 -1.96 28.96
N LEU A 349 -17.09 -2.77 28.00
CA LEU A 349 -17.77 -2.87 26.73
C LEU A 349 -18.93 -3.88 26.79
N THR A 350 -20.01 -3.56 26.10
CA THR A 350 -21.10 -4.50 25.92
C THR A 350 -20.72 -5.58 24.91
N LEU A 351 -21.51 -6.65 24.87
CA LEU A 351 -21.31 -7.67 23.83
C LEU A 351 -21.38 -7.06 22.44
N ARG A 352 -22.35 -6.18 22.21
CA ARG A 352 -22.48 -5.54 20.91
C ARG A 352 -21.24 -4.75 20.56
N GLU A 353 -20.70 -4.00 21.52
CA GLU A 353 -19.51 -3.17 21.25
C GLU A 353 -18.28 -4.03 20.98
N VAL A 354 -18.10 -5.12 21.73
CA VAL A 354 -16.99 -6.03 21.48
C VAL A 354 -17.09 -6.58 20.05
N ALA A 355 -18.29 -7.02 19.65
CA ALA A 355 -18.47 -7.54 18.30
C ALA A 355 -18.12 -6.47 17.27
N GLN A 356 -18.62 -5.25 17.46
CA GLN A 356 -18.36 -4.18 16.50
C GLN A 356 -16.88 -3.85 16.42
N GLU A 357 -16.18 -3.82 17.56
CA GLU A 357 -14.75 -3.48 17.52
C GLU A 357 -13.93 -4.61 16.89
N MET A 358 -14.38 -5.85 17.03
CA MET A 358 -13.66 -6.95 16.39
C MET A 358 -13.79 -6.89 14.87
N ALA A 359 -14.99 -6.56 14.37
CA ALA A 359 -15.19 -6.46 12.93
C ALA A 359 -14.50 -5.25 12.33
N PHE A 360 -14.25 -4.21 13.11
CA PHE A 360 -13.63 -2.98 12.61
C PHE A 360 -12.82 -2.34 13.74
N PRO A 361 -11.57 -2.75 13.91
CA PRO A 361 -10.77 -2.24 15.05
C PRO A 361 -10.52 -0.74 14.97
N ARG A 362 -10.42 -0.13 16.14
CA ARG A 362 -10.16 1.30 16.26
C ARG A 362 -8.67 1.58 16.12
N THR A 363 -8.31 2.38 15.11
CA THR A 363 -6.93 2.78 14.91
C THR A 363 -6.38 3.54 16.12
N LEU A 364 -5.08 3.36 16.36
CA LEU A 364 -4.36 4.21 17.31
C LEU A 364 -4.38 5.67 16.86
N PHE A 365 -4.36 5.89 15.53
CA PHE A 365 -4.21 7.23 14.97
C PHE A 365 -5.58 7.89 14.82
N ILE A 366 -6.26 8.03 15.95
CA ILE A 366 -7.59 8.62 16.01
C ILE A 366 -7.53 9.79 16.98
N GLY A 367 -8.16 10.89 16.61
CA GLY A 367 -8.31 12.00 17.53
C GLY A 367 -7.96 13.33 16.92
N THR A 368 -7.44 14.23 17.74
CA THR A 368 -7.15 15.57 17.28
C THR A 368 -5.98 15.56 16.29
N PRO A 369 -5.89 16.58 15.43
CA PRO A 369 -4.71 16.69 14.55
C PRO A 369 -3.40 16.69 15.34
N GLU A 370 -3.38 17.33 16.50
CA GLU A 370 -2.18 17.40 17.32
C GLU A 370 -1.78 16.02 17.83
N ARG A 371 -2.76 15.22 18.27
CA ARG A 371 -2.43 13.86 18.69
C ARG A 371 -1.89 13.04 17.53
N VAL A 372 -2.57 13.06 16.38
CA VAL A 372 -2.19 12.22 15.26
C VAL A 372 -0.81 12.64 14.72
N ALA A 373 -0.55 13.95 14.63
CA ALA A 373 0.77 14.42 14.23
C ALA A 373 1.84 13.99 15.23
N SER A 374 1.52 14.04 16.53
CA SER A 374 2.49 13.64 17.55
C SER A 374 2.79 12.14 17.49
N LEU A 375 1.75 11.32 17.28
CA LEU A 375 1.99 9.89 17.12
C LEU A 375 2.86 9.60 15.91
N ILE A 376 2.56 10.24 14.79
CA ILE A 376 3.34 10.06 13.57
C ILE A 376 4.79 10.48 13.81
N GLU A 377 4.99 11.63 14.45
CA GLU A 377 6.35 12.05 14.79
C GLU A 377 7.05 11.03 15.68
N THR A 378 6.32 10.45 16.65
CA THR A 378 6.93 9.50 17.56
C THR A 378 7.39 8.25 16.80
N TRP A 379 6.55 7.73 15.91
CA TRP A 379 6.93 6.55 15.15
C TRP A 379 8.12 6.85 14.24
N PHE A 380 8.16 8.05 13.67
CA PHE A 380 9.27 8.46 12.83
C PHE A 380 10.57 8.57 13.63
N ASN A 381 10.51 9.22 14.80
CA ASN A 381 11.71 9.36 15.62
C ASN A 381 12.15 8.04 16.23
N ALA A 382 11.23 7.11 16.45
CA ALA A 382 11.55 5.80 16.99
C ALA A 382 12.05 4.84 15.92
N GLU A 383 12.20 5.31 14.68
CA GLU A 383 12.60 4.47 13.56
C GLU A 383 11.69 3.26 13.41
N ALA A 384 10.39 3.52 13.46
CA ALA A 384 9.38 2.57 13.00
C ALA A 384 8.96 2.85 11.57
N ALA A 385 9.31 4.01 11.03
CA ALA A 385 8.77 4.43 9.74
C ALA A 385 9.70 5.47 9.13
N ASP A 386 9.87 5.40 7.80
CA ASP A 386 10.38 6.51 7.02
C ASP A 386 9.26 7.36 6.46
N GLY A 387 8.04 6.87 6.55
CA GLY A 387 6.85 7.54 6.06
C GLY A 387 5.69 6.61 6.30
N PHE A 388 4.50 7.07 5.92
CA PHE A 388 3.31 6.24 6.06
C PHE A 388 2.49 6.21 4.79
N ILE A 389 1.87 5.06 4.50
CA ILE A 389 0.87 4.98 3.44
C ILE A 389 -0.50 5.10 4.11
N VAL A 390 -1.23 6.16 3.75
CA VAL A 390 -2.42 6.63 4.45
C VAL A 390 -3.65 6.13 3.73
N GLY A 391 -4.46 5.34 4.42
CA GLY A 391 -5.76 4.97 3.91
C GLY A 391 -6.80 5.98 4.37
N SER A 392 -7.86 6.12 3.59
CA SER A 392 -8.86 7.16 3.84
C SER A 392 -10.24 6.68 3.41
N ASP A 393 -10.60 5.45 3.80
CA ASP A 393 -11.89 4.89 3.37
C ASP A 393 -13.05 5.71 3.90
N ILE A 394 -12.95 6.19 5.14
CA ILE A 394 -14.00 6.99 5.76
C ILE A 394 -14.00 8.36 5.08
N PRO A 395 -15.12 8.78 4.50
CA PRO A 395 -15.11 10.04 3.73
C PRO A 395 -14.69 11.21 4.60
N GLY A 396 -13.86 12.07 4.02
CA GLY A 396 -13.33 13.22 4.72
C GLY A 396 -12.00 13.00 5.41
N THR A 397 -11.55 11.75 5.55
CA THR A 397 -10.36 11.53 6.38
C THR A 397 -9.10 12.03 5.69
N LEU A 398 -9.00 11.86 4.36
CA LEU A 398 -7.82 12.36 3.67
C LEU A 398 -7.78 13.88 3.69
N ASP A 399 -8.93 14.51 3.45
CA ASP A 399 -9.04 15.96 3.52
C ASP A 399 -8.67 16.47 4.91
N ALA A 400 -9.18 15.81 5.96
CA ALA A 400 -8.85 16.24 7.31
C ALA A 400 -7.35 16.08 7.59
N PHE A 401 -6.77 14.97 7.13
CA PHE A 401 -5.33 14.76 7.31
C PHE A 401 -4.52 15.83 6.60
N VAL A 402 -4.83 16.08 5.32
CA VAL A 402 -4.08 17.08 4.56
C VAL A 402 -4.28 18.48 5.15
N GLU A 403 -5.50 18.82 5.56
CA GLU A 403 -5.76 20.18 6.00
C GLU A 403 -5.27 20.44 7.42
N LYS A 404 -5.21 19.42 8.27
CA LYS A 404 -5.00 19.65 9.69
C LYS A 404 -3.72 19.02 10.24
N VAL A 405 -3.34 17.84 9.77
CA VAL A 405 -2.13 17.19 10.28
C VAL A 405 -0.89 17.71 9.56
N ILE A 406 -0.92 17.79 8.22
CA ILE A 406 0.25 18.24 7.47
C ILE A 406 0.79 19.58 7.95
N PRO A 407 -0.03 20.61 8.18
CA PRO A 407 0.55 21.89 8.65
C PRO A 407 1.26 21.79 9.98
N ILE A 408 0.83 20.89 10.87
CA ILE A 408 1.54 20.73 12.13
C ILE A 408 2.92 20.13 11.89
N LEU A 409 3.00 19.11 11.04
CA LEU A 409 4.28 18.49 10.73
C LEU A 409 5.21 19.48 10.03
N GLN A 410 4.66 20.35 9.19
CA GLN A 410 5.48 21.39 8.57
C GLN A 410 6.00 22.38 9.60
N GLU A 411 5.14 22.81 10.51
CA GLU A 411 5.54 23.76 11.55
C GLU A 411 6.64 23.19 12.44
N ARG A 412 6.64 21.87 12.65
CA ARG A 412 7.65 21.24 13.49
C ARG A 412 8.89 20.81 12.72
N GLY A 413 8.97 21.10 11.42
CA GLY A 413 10.17 20.81 10.67
C GLY A 413 10.31 19.40 10.18
N LEU A 414 9.26 18.58 10.28
CA LEU A 414 9.30 17.19 9.86
C LEU A 414 8.77 16.97 8.46
N TYR A 415 8.23 18.01 7.82
CA TYR A 415 7.58 17.87 6.53
C TYR A 415 7.89 19.10 5.68
N ARG A 416 8.14 18.89 4.38
CA ARG A 416 8.54 19.99 3.52
C ARG A 416 7.39 20.98 3.30
N GLN A 417 7.76 22.19 2.87
CA GLN A 417 6.81 23.24 2.52
C GLN A 417 6.35 23.17 1.07
N ASP A 418 7.07 22.44 0.22
CA ASP A 418 6.69 22.28 -1.18
C ASP A 418 7.37 21.02 -1.70
N TYR A 419 6.99 20.62 -2.92
CA TYR A 419 7.58 19.43 -3.51
C TYR A 419 9.08 19.62 -3.74
N ARG A 420 9.86 18.58 -3.42
CA ARG A 420 11.28 18.62 -3.74
C ARG A 420 11.52 18.64 -5.24
N GLY A 421 10.73 17.89 -6.00
CA GLY A 421 10.92 17.83 -7.42
C GLY A 421 9.70 17.28 -8.13
N GLY A 422 9.88 16.99 -9.41
CA GLY A 422 8.81 16.46 -10.22
C GLY A 422 8.86 14.97 -10.48
N THR A 423 9.85 14.25 -9.94
CA THR A 423 9.93 12.81 -10.11
C THR A 423 9.69 12.10 -8.78
N LEU A 424 9.29 10.83 -8.88
CA LEU A 424 9.04 10.07 -7.65
C LEU A 424 10.35 9.80 -6.91
N ARG A 425 11.42 9.49 -7.65
CA ARG A 425 12.73 9.28 -7.01
C ARG A 425 13.16 10.50 -6.21
N GLU A 426 13.04 11.69 -6.80
CA GLU A 426 13.44 12.91 -6.10
C GLU A 426 12.60 13.11 -4.84
N ASN A 427 11.30 12.87 -4.93
CA ASN A 427 10.45 13.13 -3.77
C ASN A 427 10.59 12.08 -2.69
N LEU A 428 11.04 10.88 -3.04
CA LEU A 428 11.36 9.89 -2.00
C LEU A 428 12.77 10.07 -1.45
N GLY A 429 13.60 10.87 -2.10
CA GLY A 429 14.98 11.03 -1.68
C GLY A 429 15.94 10.01 -2.23
N LEU A 430 15.58 9.32 -3.31
CA LEU A 430 16.41 8.29 -3.93
C LEU A 430 17.22 8.88 -5.07
N GLY A 431 18.33 8.22 -5.38
CA GLY A 431 19.07 8.54 -6.58
C GLY A 431 18.46 7.88 -7.81
N ILE A 432 18.87 8.34 -8.97
CA ILE A 432 18.38 7.85 -10.25
C ILE A 432 19.48 7.00 -10.88
N PRO A 433 19.20 5.77 -11.29
CA PRO A 433 20.24 4.90 -11.84
C PRO A 433 20.32 4.98 -13.36
N GLN A 434 21.55 4.96 -13.87
CA GLN A 434 21.81 4.79 -15.30
C GLN A 434 23.13 4.03 -15.46
#